data_6MFE
#
_entry.id   6MFE
#
_cell.length_a   140.553
_cell.length_b   39.565
_cell.length_c   53.674
_cell.angle_alpha   90.00
_cell.angle_beta   90.00
_cell.angle_gamma   90.00
#
_symmetry.space_group_name_H-M   'P 21 21 2'
#
loop_
_entity.id
_entity.type
_entity.pdbx_description
1 polymer 'Sulfotransferase oxamniquine resistance protein'
2 non-polymer "ADENOSINE-3'-5'-DIPHOSPHATE"
3 non-polymer (2-nitro-4-{[(3S)-1-{[4-(trifluoromethoxy)phenyl]methyl}pyrrolidin-3-yl]amino}phenyl)methanol
4 water water
#
_entity_poly.entity_id   1
_entity_poly.type   'polypeptide(L)'
_entity_poly.pdbx_seq_one_letter_code
;GAMIESSTTIQVISAGLPRTGTKSLKNALEIIYHKPCYHMFEIIFNKQSDIIKWQNLIHDSHMITTPPPLTTKTIAIYDK
LKELLDGYIATTDLPTCGFYKDLMNIYPNAKVLLTIRDKYDWLHSLRKVVLPKSNDPWKLKIEEGDKVLGLNSDFYKLTE
DSLKFAFQKDDLNFDDDQVLLECYDEYNRLVQETVPSDRLLVLRLGDGWEPLCKFLNVEIPNGIDYP(CAS)VNSHHQMT
QLTEQLIKYKSLDAIIHMFPDLI
;
_entity_poly.pdbx_strand_id   A
#
loop_
_chem_comp.id
_chem_comp.type
_chem_comp.name
_chem_comp.formula
A3P RNA linking ADENOSINE-3'-5'-DIPHOSPHATE 'C10 H15 N5 O10 P2'
S73 non-polymer (2-nitro-4-{[(3S)-1-{[4-(trifluoromethoxy)phenyl]methyl}pyrrolidin-3-yl]amino}phenyl)methanol 'C19 H20 F3 N3 O4'
#
# COMPACT_ATOMS: atom_id res chain seq x y z
N GLY A 1 21.56 -20.23 -4.35
CA GLY A 1 22.32 -19.65 -3.22
C GLY A 1 22.07 -20.40 -1.94
N ALA A 2 22.83 -20.05 -0.90
CA ALA A 2 22.64 -20.66 0.40
C ALA A 2 21.40 -20.07 1.05
N MET A 3 20.80 -20.85 1.94
CA MET A 3 19.70 -20.38 2.76
C MET A 3 20.25 -19.70 4.01
N ILE A 4 19.75 -18.51 4.31
CA ILE A 4 20.16 -17.74 5.48
C ILE A 4 18.94 -17.38 6.31
N GLU A 5 19.16 -17.11 7.59
CA GLU A 5 18.05 -16.89 8.51
C GLU A 5 17.76 -15.40 8.60
N SER A 6 16.68 -14.97 7.97
CA SER A 6 16.31 -13.57 7.86
C SER A 6 15.58 -13.07 9.10
N SER A 7 15.82 -11.82 9.48
CA SER A 7 15.17 -11.21 10.63
C SER A 7 13.73 -10.79 10.32
N THR A 8 12.80 -11.12 11.21
CA THR A 8 11.40 -10.71 11.03
C THR A 8 11.23 -9.28 11.55
N THR A 9 11.60 -8.33 10.69
CA THR A 9 11.42 -6.92 10.91
C THR A 9 11.25 -6.28 9.54
N ILE A 10 10.85 -5.02 9.51
CA ILE A 10 10.64 -4.36 8.23
C ILE A 10 11.98 -4.24 7.52
N GLN A 11 12.09 -4.90 6.36
CA GLN A 11 13.30 -4.88 5.56
C GLN A 11 13.14 -4.08 4.27
N VAL A 12 11.89 -3.81 3.88
CA VAL A 12 11.57 -3.14 2.63
C VAL A 12 10.38 -2.22 2.89
N ILE A 13 10.54 -0.95 2.55
CA ILE A 13 9.49 0.07 2.65
C ILE A 13 9.16 0.48 1.24
N SER A 14 7.94 0.22 0.79
CA SER A 14 7.53 0.64 -0.54
C SER A 14 6.64 1.88 -0.46
N ALA A 15 7.15 2.99 -1.03
CA ALA A 15 6.45 4.28 -1.04
C ALA A 15 5.43 4.40 -2.15
N GLY A 16 5.30 3.40 -3.03
CA GLY A 16 4.39 3.53 -4.16
C GLY A 16 2.94 3.71 -3.76
N LEU A 17 2.23 4.44 -4.58
CA LEU A 17 0.82 4.71 -4.32
C LEU A 17 -0.08 3.53 -4.73
N PRO A 18 -1.30 3.48 -4.21
CA PRO A 18 -2.22 2.44 -4.66
C PRO A 18 -2.39 2.47 -6.17
N ARG A 19 -2.60 1.27 -6.73
CA ARG A 19 -2.79 1.05 -8.17
C ARG A 19 -1.50 1.21 -8.98
N THR A 20 -0.35 0.96 -8.36
CA THR A 20 0.94 0.96 -9.04
C THR A 20 1.65 -0.38 -8.95
N GLY A 21 0.93 -1.47 -8.67
CA GLY A 21 1.55 -2.77 -8.51
C GLY A 21 1.82 -3.16 -7.07
N THR A 22 1.14 -2.57 -6.10
CA THR A 22 1.45 -2.84 -4.70
C THR A 22 1.09 -4.27 -4.28
N LYS A 23 -0.02 -4.82 -4.78
CA LYS A 23 -0.40 -6.17 -4.38
C LYS A 23 0.56 -7.20 -4.99
N SER A 24 0.95 -7.01 -6.23
CA SER A 24 1.94 -7.90 -6.83
C SER A 24 3.25 -7.84 -6.07
N LEU A 25 3.65 -6.62 -5.65
CA LEU A 25 4.86 -6.45 -4.87
C LEU A 25 4.72 -7.13 -3.51
N LYS A 26 3.57 -6.98 -2.85
CA LYS A 26 3.31 -7.68 -1.60
C LYS A 26 3.52 -9.16 -1.77
N ASN A 27 2.89 -9.75 -2.78
CA ASN A 27 3.03 -11.18 -3.06
C ASN A 27 4.49 -11.54 -3.33
N ALA A 28 5.18 -10.70 -4.10
CA ALA A 28 6.57 -10.99 -4.46
C ALA A 28 7.46 -10.98 -3.22
N LEU A 29 7.27 -9.99 -2.34
CA LEU A 29 8.05 -9.93 -1.12
C LEU A 29 7.77 -11.11 -0.19
N GLU A 30 6.52 -11.59 -0.16
CA GLU A 30 6.21 -12.75 0.66
C GLU A 30 6.82 -14.03 0.08
N ILE A 31 6.94 -14.11 -1.24
CA ILE A 31 7.63 -15.23 -1.88
C ILE A 31 9.10 -15.23 -1.51
N ILE A 32 9.73 -14.06 -1.46
CA ILE A 32 11.16 -13.97 -1.15
C ILE A 32 11.40 -14.26 0.34
N TYR A 33 10.60 -13.65 1.21
CA TYR A 33 10.94 -13.62 2.64
C TYR A 33 10.16 -14.62 3.48
N HIS A 34 9.06 -15.16 2.98
CA HIS A 34 8.29 -16.18 3.68
C HIS A 34 7.70 -15.66 4.99
N LYS A 35 7.46 -14.36 5.03
CA LYS A 35 6.80 -13.71 6.14
C LYS A 35 5.89 -12.63 5.56
N PRO A 36 4.92 -12.14 6.33
CA PRO A 36 3.90 -11.25 5.75
C PRO A 36 4.40 -9.85 5.44
N CYS A 37 3.80 -9.28 4.40
CA CYS A 37 4.01 -7.90 3.99
C CYS A 37 2.71 -7.12 4.17
N TYR A 38 2.81 -5.89 4.67
CA TYR A 38 1.61 -5.11 4.92
C TYR A 38 1.07 -4.54 3.60
N HIS A 39 -0.23 -4.32 3.56
CA HIS A 39 -0.98 -3.88 2.40
C HIS A 39 -2.39 -3.57 2.88
N MET A 40 -3.13 -2.77 2.12
CA MET A 40 -4.51 -2.53 2.52
C MET A 40 -5.29 -3.85 2.63
N PHE A 41 -4.96 -4.85 1.79
CA PHE A 41 -5.68 -6.11 1.86
C PHE A 41 -5.42 -6.82 3.19
N GLU A 42 -4.28 -6.56 3.83
CA GLU A 42 -4.04 -7.11 5.15
C GLU A 42 -5.04 -6.53 6.15
N ILE A 43 -5.30 -5.22 6.08
CA ILE A 43 -6.32 -4.62 6.92
C ILE A 43 -7.68 -5.26 6.64
N ILE A 44 -8.05 -5.36 5.37
CA ILE A 44 -9.38 -5.87 5.00
C ILE A 44 -9.57 -7.29 5.49
N PHE A 45 -8.57 -8.14 5.29
CA PHE A 45 -8.75 -9.57 5.54
C PHE A 45 -8.39 -10.01 6.94
N ASN A 46 -7.37 -9.42 7.54
CA ASN A 46 -6.84 -9.91 8.79
C ASN A 46 -6.87 -8.91 9.93
N LYS A 47 -6.89 -7.61 9.64
CA LYS A 47 -6.61 -6.60 10.66
C LYS A 47 -7.62 -5.46 10.63
N GLN A 48 -8.91 -5.75 10.49
CA GLN A 48 -9.88 -4.66 10.47
C GLN A 48 -9.85 -3.90 11.78
N SER A 49 -9.42 -4.53 12.87
CA SER A 49 -9.30 -3.85 14.14
C SER A 49 -8.22 -2.77 14.12
N ASP A 50 -7.32 -2.79 13.14
CA ASP A 50 -6.27 -1.79 13.01
C ASP A 50 -6.77 -0.51 12.36
N ILE A 51 -7.97 -0.51 11.78
CA ILE A 51 -8.43 0.69 11.07
C ILE A 51 -8.40 1.90 12.00
N ILE A 52 -8.96 1.77 13.20
CA ILE A 52 -9.03 2.89 14.12
C ILE A 52 -7.63 3.31 14.58
N LYS A 53 -6.71 2.36 14.64
CA LYS A 53 -5.35 2.68 15.06
C LYS A 53 -4.62 3.49 13.99
N TRP A 54 -4.76 3.11 12.72
CA TRP A 54 -4.20 3.93 11.66
C TRP A 54 -4.85 5.31 11.62
N GLN A 55 -6.17 5.36 11.82
CA GLN A 55 -6.86 6.65 11.81
C GLN A 55 -6.32 7.56 12.90
N ASN A 56 -6.16 7.03 14.12
CA ASN A 56 -5.60 7.81 15.22
C ASN A 56 -4.20 8.28 14.89
N LEU A 57 -3.40 7.42 14.26
CA LEU A 57 -2.02 7.77 13.97
C LEU A 57 -1.97 8.91 12.95
N ILE A 58 -2.83 8.85 11.93
CA ILE A 58 -2.88 9.94 10.96
C ILE A 58 -3.35 11.24 11.62
N HIS A 59 -4.38 11.15 12.46
CA HIS A 59 -4.87 12.33 13.18
C HIS A 59 -3.75 13.01 13.97
N ASP A 60 -2.86 12.23 14.57
CA ASP A 60 -1.76 12.78 15.34
C ASP A 60 -0.51 13.07 14.51
N SER A 61 -0.47 12.63 13.25
CA SER A 61 0.78 12.69 12.48
C SER A 61 1.30 14.12 12.31
N HIS A 62 0.44 15.14 12.39
CA HIS A 62 0.94 16.51 12.25
C HIS A 62 1.97 16.84 13.33
N MET A 63 1.92 16.16 14.48
CA MET A 63 2.82 16.41 15.58
C MET A 63 4.19 15.75 15.40
N ILE A 64 4.42 15.03 14.30
CA ILE A 64 5.76 14.54 14.00
C ILE A 64 6.63 15.73 13.61
N THR A 65 7.80 15.83 14.21
CA THR A 65 8.81 16.78 13.79
C THR A 65 9.96 15.98 13.17
N THR A 66 10.22 16.23 11.89
CA THR A 66 11.10 15.41 11.08
C THR A 66 12.47 15.24 11.71
N PRO A 67 12.81 14.06 12.22
CA PRO A 67 14.16 13.85 12.74
C PRO A 67 15.18 13.91 11.62
N PRO A 68 16.46 14.09 11.94
CA PRO A 68 16.96 14.29 13.31
C PRO A 68 16.93 15.77 13.71
N PRO A 69 16.84 16.05 15.02
CA PRO A 69 16.82 15.04 16.09
C PRO A 69 15.39 14.56 16.41
N LEU A 70 15.27 13.68 17.40
CA LEU A 70 14.03 12.97 17.68
C LEU A 70 13.40 13.55 18.93
N THR A 71 12.15 14.02 18.81
CA THR A 71 11.43 14.56 19.96
C THR A 71 10.58 13.48 20.64
N THR A 72 10.11 13.81 21.84
CA THR A 72 9.33 12.87 22.63
C THR A 72 8.00 12.54 21.96
N LYS A 73 7.33 13.54 21.38
CA LYS A 73 6.04 13.29 20.76
C LYS A 73 6.19 12.37 19.55
N THR A 74 7.20 12.62 18.73
CA THR A 74 7.49 11.76 17.59
C THR A 74 7.73 10.32 18.04
N ILE A 75 8.44 10.14 19.15
CA ILE A 75 8.73 8.79 19.64
C ILE A 75 7.43 8.04 19.94
N ALA A 76 6.49 8.71 20.61
CA ALA A 76 5.20 8.09 20.89
C ALA A 76 4.53 7.65 19.58
N ILE A 77 4.58 8.51 18.57
CA ILE A 77 3.98 8.16 17.28
C ILE A 77 4.71 7.00 16.65
N TYR A 78 6.05 7.04 16.68
CA TYR A 78 6.85 5.97 16.07
C TYR A 78 6.62 4.63 16.77
N ASP A 79 6.42 4.66 18.08
CA ASP A 79 6.17 3.41 18.81
C ASP A 79 4.87 2.77 18.36
N LYS A 80 3.85 3.57 18.08
CA LYS A 80 2.59 3.00 17.64
C LYS A 80 2.69 2.46 16.22
N LEU A 81 3.48 3.11 15.38
CA LEU A 81 3.70 2.65 14.02
C LEU A 81 4.49 1.34 14.03
N LYS A 82 5.53 1.26 14.86
CA LYS A 82 6.27 0.02 15.02
C LYS A 82 5.35 -1.08 15.53
N GLU A 83 4.46 -0.74 16.47
CA GLU A 83 3.52 -1.73 17.00
C GLU A 83 2.61 -2.28 15.89
N LEU A 84 2.08 -1.40 15.03
CA LEU A 84 1.18 -1.85 13.99
C LEU A 84 1.85 -2.83 13.05
N LEU A 85 3.17 -2.70 12.89
CA LEU A 85 3.89 -3.45 11.88
C LEU A 85 4.66 -4.62 12.47
N ASP A 86 4.49 -4.89 13.76
CA ASP A 86 5.17 -6.03 14.37
C ASP A 86 4.82 -7.31 13.62
N GLY A 87 5.85 -8.10 13.32
CA GLY A 87 5.66 -9.37 12.66
C GLY A 87 5.68 -9.32 11.15
N TYR A 88 5.74 -8.14 10.54
CA TYR A 88 5.79 -8.01 9.09
C TYR A 88 7.23 -7.74 8.64
N ILE A 89 7.52 -8.11 7.39
CA ILE A 89 8.86 -7.91 6.81
C ILE A 89 8.90 -6.79 5.76
N ALA A 90 7.77 -6.18 5.42
CA ALA A 90 7.77 -5.09 4.46
C ALA A 90 6.45 -4.36 4.55
N THR A 91 6.43 -3.15 3.98
CA THR A 91 5.23 -2.34 3.87
C THR A 91 5.00 -1.98 2.42
N THR A 92 3.71 -1.99 2.01
CA THR A 92 3.26 -1.43 0.75
C THR A 92 1.91 -0.79 0.98
N ASP A 93 1.52 0.09 0.05
CA ASP A 93 0.14 0.55 -0.11
C ASP A 93 -0.25 1.59 0.93
N LEU A 94 -1.40 2.23 0.73
CA LEU A 94 -2.04 2.93 1.83
C LEU A 94 -2.36 1.91 2.92
N PRO A 95 -2.37 2.31 4.19
CA PRO A 95 -2.08 3.65 4.70
C PRO A 95 -0.58 3.90 4.94
N THR A 96 0.26 2.90 4.71
CA THR A 96 1.66 3.05 5.11
C THR A 96 2.45 3.98 4.20
N CYS A 97 2.13 4.06 2.91
CA CYS A 97 3.11 4.60 1.97
C CYS A 97 3.46 6.05 2.30
N GLY A 98 2.51 6.85 2.77
CA GLY A 98 2.79 8.23 3.12
C GLY A 98 3.71 8.39 4.31
N PHE A 99 3.92 7.32 5.09
CA PHE A 99 4.82 7.31 6.24
C PHE A 99 6.25 6.93 5.87
N TYR A 100 6.59 6.91 4.59
CA TYR A 100 7.85 6.29 4.19
C TYR A 100 9.05 6.94 4.86
N LYS A 101 9.02 8.27 5.03
CA LYS A 101 10.17 8.94 5.65
C LYS A 101 10.30 8.55 7.11
N ASP A 102 9.18 8.41 7.80
CA ASP A 102 9.20 8.02 9.21
C ASP A 102 9.61 6.56 9.37
N LEU A 103 9.13 5.71 8.47
CA LEU A 103 9.55 4.31 8.48
C LEU A 103 11.05 4.17 8.25
N MET A 104 11.63 5.03 7.40
CA MET A 104 13.08 5.02 7.20
C MET A 104 13.82 5.31 8.50
N ASN A 105 13.27 6.19 9.34
CA ASN A 105 13.91 6.48 10.62
C ASN A 105 13.80 5.30 11.58
N ILE A 106 12.62 4.67 11.64
CA ILE A 106 12.35 3.58 12.57
C ILE A 106 13.14 2.33 12.19
N TYR A 107 13.25 2.05 10.89
CA TYR A 107 13.95 0.88 10.37
C TYR A 107 15.11 1.40 9.51
N PRO A 108 16.22 1.80 10.13
CA PRO A 108 17.32 2.40 9.37
C PRO A 108 17.99 1.43 8.43
N ASN A 109 17.80 0.13 8.60
CA ASN A 109 18.41 -0.86 7.73
C ASN A 109 17.46 -1.39 6.68
N ALA A 110 16.29 -0.78 6.55
CA ALA A 110 15.34 -1.14 5.51
C ALA A 110 15.64 -0.37 4.24
N LYS A 111 15.40 -1.02 3.11
CA LYS A 111 15.55 -0.38 1.82
C LYS A 111 14.20 0.09 1.30
N VAL A 112 14.24 1.02 0.37
CA VAL A 112 13.05 1.76 -0.04
C VAL A 112 12.78 1.48 -1.52
N LEU A 113 11.53 1.24 -1.83
CA LEU A 113 11.05 1.06 -3.20
C LEU A 113 10.07 2.16 -3.55
N LEU A 114 9.98 2.47 -4.84
CA LEU A 114 8.92 3.31 -5.37
C LEU A 114 8.39 2.63 -6.62
N THR A 115 7.10 2.25 -6.59
CA THR A 115 6.41 1.71 -7.76
C THR A 115 5.71 2.84 -8.49
N ILE A 116 5.90 2.91 -9.81
CA ILE A 116 5.35 3.99 -10.62
C ILE A 116 4.77 3.41 -11.91
N ARG A 117 3.99 4.23 -12.60
CA ARG A 117 3.41 3.88 -13.89
C ARG A 117 2.90 5.15 -14.55
N ASP A 118 2.42 4.99 -15.78
CA ASP A 118 1.80 6.09 -16.52
C ASP A 118 0.67 6.70 -15.71
N LYS A 119 0.67 8.05 -15.63
CA LYS A 119 -0.25 8.75 -14.71
C LYS A 119 -1.70 8.57 -15.11
N TYR A 120 -1.98 8.48 -16.41
CA TYR A 120 -3.37 8.31 -16.84
C TYR A 120 -3.85 6.90 -16.62
N ASP A 121 -3.00 5.89 -16.86
CA ASP A 121 -3.37 4.52 -16.49
C ASP A 121 -3.63 4.43 -15.01
N TRP A 122 -2.80 5.11 -14.20
CA TRP A 122 -3.01 5.12 -12.76
C TRP A 122 -4.37 5.70 -12.40
N LEU A 123 -4.68 6.89 -12.95
CA LEU A 123 -5.95 7.53 -12.61
C LEU A 123 -7.14 6.65 -13.02
N HIS A 124 -7.07 6.04 -14.21
CA HIS A 124 -8.15 5.18 -14.69
C HIS A 124 -8.37 4.01 -13.74
N SER A 125 -7.27 3.36 -13.33
CA SER A 125 -7.34 2.25 -12.39
C SER A 125 -7.92 2.71 -11.06
N LEU A 126 -7.43 3.85 -10.54
CA LEU A 126 -7.94 4.40 -9.30
C LEU A 126 -9.44 4.65 -9.36
N ARG A 127 -9.92 5.22 -10.47
CA ARG A 127 -11.35 5.52 -10.60
C ARG A 127 -12.21 4.25 -10.66
N LYS A 128 -11.65 3.16 -11.17
CA LYS A 128 -12.38 1.91 -11.29
C LYS A 128 -12.45 1.14 -9.98
N VAL A 129 -11.53 1.37 -9.05
CA VAL A 129 -11.33 0.50 -7.89
C VAL A 129 -11.45 1.27 -6.56
N VAL A 130 -10.69 2.34 -6.42
CA VAL A 130 -10.50 3.00 -5.12
C VAL A 130 -11.42 4.21 -4.96
N LEU A 131 -11.50 5.05 -5.99
CA LEU A 131 -12.06 6.39 -5.85
C LEU A 131 -12.88 6.72 -7.10
N PRO A 132 -13.96 6.00 -7.33
CA PRO A 132 -14.89 6.42 -8.39
C PRO A 132 -15.46 7.78 -8.07
N LYS A 133 -15.74 8.55 -9.12
CA LYS A 133 -16.38 9.85 -8.92
C LYS A 133 -17.75 9.69 -8.29
N SER A 134 -18.20 10.75 -7.61
CA SER A 134 -19.43 10.70 -6.82
C SER A 134 -20.65 10.30 -7.64
N ASN A 135 -20.71 10.75 -8.89
CA ASN A 135 -21.88 10.49 -9.71
C ASN A 135 -21.70 9.27 -10.60
N ASP A 136 -20.68 8.46 -10.36
CA ASP A 136 -20.46 7.25 -11.12
C ASP A 136 -21.31 6.13 -10.54
N PRO A 137 -22.23 5.53 -11.31
CA PRO A 137 -23.07 4.45 -10.75
C PRO A 137 -22.28 3.28 -10.21
N TRP A 138 -21.06 3.07 -10.69
CA TRP A 138 -20.25 1.96 -10.19
C TRP A 138 -19.92 2.15 -8.72
N LYS A 139 -19.89 3.39 -8.23
CA LYS A 139 -19.60 3.65 -6.83
C LYS A 139 -20.60 2.94 -5.90
N LEU A 140 -21.87 2.87 -6.32
CA LEU A 140 -22.86 2.17 -5.50
C LEU A 140 -22.64 0.66 -5.49
N LYS A 141 -22.15 0.08 -6.57
CA LYS A 141 -21.83 -1.36 -6.55
C LYS A 141 -20.61 -1.62 -5.66
N ILE A 142 -19.61 -0.75 -5.76
CA ILE A 142 -18.44 -0.88 -4.88
C ILE A 142 -18.88 -0.93 -3.43
N GLU A 143 -19.72 0.03 -3.03
CA GLU A 143 -20.14 0.10 -1.64
C GLU A 143 -20.98 -1.11 -1.24
N GLU A 144 -21.81 -1.61 -2.15
CA GLU A 144 -22.60 -2.79 -1.83
C GLU A 144 -21.71 -4.00 -1.60
N GLY A 145 -20.72 -4.21 -2.47
CA GLY A 145 -19.79 -5.30 -2.26
C GLY A 145 -18.98 -5.15 -1.00
N ASP A 146 -18.58 -3.93 -0.66
CA ASP A 146 -17.73 -3.72 0.51
C ASP A 146 -18.46 -4.02 1.80
N LYS A 147 -19.77 -3.79 1.86
CA LYS A 147 -20.53 -4.12 3.07
C LYS A 147 -20.52 -5.60 3.34
N VAL A 148 -20.44 -6.42 2.29
CA VAL A 148 -20.35 -7.87 2.46
C VAL A 148 -19.11 -8.24 3.26
N LEU A 149 -18.03 -7.46 3.15
CA LEU A 149 -16.77 -7.69 3.85
C LEU A 149 -16.73 -7.05 5.23
N GLY A 150 -17.79 -6.37 5.66
CA GLY A 150 -17.75 -5.63 6.90
C GLY A 150 -17.09 -4.28 6.82
N LEU A 151 -16.89 -3.74 5.63
CA LEU A 151 -16.26 -2.44 5.48
C LEU A 151 -17.33 -1.36 5.47
N ASN A 152 -17.09 -0.32 6.24
CA ASN A 152 -18.10 0.72 6.47
C ASN A 152 -17.44 2.06 6.20
N SER A 153 -18.09 3.15 6.60
CA SER A 153 -17.58 4.47 6.29
C SER A 153 -16.21 4.74 6.90
N ASP A 154 -15.88 4.08 8.01
CA ASP A 154 -14.56 4.29 8.61
C ASP A 154 -13.45 3.75 7.71
N PHE A 155 -13.75 2.71 6.94
CA PHE A 155 -12.77 2.23 5.97
C PHE A 155 -12.50 3.28 4.91
N TYR A 156 -13.56 3.88 4.38
CA TYR A 156 -13.38 4.90 3.34
C TYR A 156 -12.71 6.12 3.91
N LYS A 157 -13.01 6.45 5.16
CA LYS A 157 -12.33 7.55 5.82
C LYS A 157 -10.83 7.30 5.89
N LEU A 158 -10.42 6.08 6.23
CA LEU A 158 -8.99 5.80 6.32
C LEU A 158 -8.32 5.94 4.95
N THR A 159 -8.97 5.46 3.90
CA THR A 159 -8.41 5.62 2.56
C THR A 159 -8.23 7.10 2.22
N GLU A 160 -9.27 7.89 2.44
CA GLU A 160 -9.22 9.32 2.13
C GLU A 160 -8.13 10.02 2.95
N ASP A 161 -8.09 9.75 4.25
CA ASP A 161 -7.17 10.47 5.11
C ASP A 161 -5.74 10.03 4.89
N SER A 162 -5.55 8.75 4.54
CA SER A 162 -4.18 8.32 4.30
C SER A 162 -3.70 8.82 2.96
N LEU A 163 -4.62 9.04 2.01
CA LEU A 163 -4.23 9.67 0.75
C LEU A 163 -3.91 11.15 0.95
N LYS A 164 -4.73 11.85 1.73
CA LYS A 164 -4.44 13.24 2.08
C LYS A 164 -3.09 13.37 2.76
N PHE A 165 -2.77 12.44 3.67
CA PHE A 165 -1.48 12.49 4.35
C PHE A 165 -0.35 12.23 3.38
N ALA A 166 -0.50 11.25 2.49
CA ALA A 166 0.53 10.98 1.49
C ALA A 166 0.80 12.20 0.63
N PHE A 167 -0.26 12.92 0.26
CA PHE A 167 -0.16 14.10 -0.61
C PHE A 167 0.08 15.38 0.17
N GLN A 168 0.13 15.30 1.49
CA GLN A 168 0.38 16.48 2.33
C GLN A 168 -0.60 17.61 2.04
N LYS A 169 -1.89 17.24 1.97
CA LYS A 169 -3.00 18.17 1.77
C LYS A 169 -3.93 18.13 2.97
N ASP A 170 -4.37 19.32 3.39
CA ASP A 170 -5.34 19.43 4.48
C ASP A 170 -6.72 18.98 4.04
N ASP A 171 -7.05 19.18 2.77
CA ASP A 171 -8.26 18.60 2.20
C ASP A 171 -7.99 18.35 0.71
N LEU A 172 -8.90 17.61 0.09
CA LEU A 172 -8.67 17.12 -1.26
C LEU A 172 -10.00 16.98 -1.98
N ASN A 173 -10.10 17.56 -3.18
CA ASN A 173 -11.28 17.38 -4.01
C ASN A 173 -11.12 16.04 -4.71
N PHE A 174 -11.69 15.00 -4.11
CA PHE A 174 -11.49 13.64 -4.62
C PHE A 174 -12.07 13.46 -6.02
N ASP A 175 -13.06 14.27 -6.41
CA ASP A 175 -13.68 14.17 -7.72
C ASP A 175 -12.93 14.94 -8.81
N ASP A 176 -11.77 15.55 -8.50
CA ASP A 176 -11.06 16.42 -9.44
C ASP A 176 -9.85 15.67 -10.00
N ASP A 177 -9.97 15.20 -11.24
CA ASP A 177 -8.89 14.47 -11.89
C ASP A 177 -7.60 15.29 -11.96
N GLN A 178 -7.71 16.58 -12.27
CA GLN A 178 -6.49 17.39 -12.39
C GLN A 178 -5.73 17.43 -11.07
N VAL A 179 -6.43 17.61 -9.96
CA VAL A 179 -5.80 17.61 -8.64
C VAL A 179 -5.10 16.28 -8.38
N LEU A 180 -5.76 15.17 -8.68
CA LEU A 180 -5.17 13.88 -8.35
C LEU A 180 -3.93 13.62 -9.20
N LEU A 181 -3.98 13.96 -10.48
CA LEU A 181 -2.82 13.80 -11.35
C LEU A 181 -1.63 14.63 -10.88
N GLU A 182 -1.88 15.89 -10.49
CA GLU A 182 -0.78 16.73 -10.02
C GLU A 182 -0.21 16.18 -8.73
N CYS A 183 -1.08 15.72 -7.83
CA CYS A 183 -0.61 15.15 -6.58
C CYS A 183 0.23 13.91 -6.83
N TYR A 184 -0.22 13.03 -7.74
CA TYR A 184 0.55 11.84 -8.09
C TYR A 184 1.96 12.19 -8.56
N ASP A 185 2.05 13.10 -9.53
CA ASP A 185 3.37 13.48 -10.07
C ASP A 185 4.25 14.12 -8.98
N GLU A 186 3.68 14.99 -8.15
CA GLU A 186 4.47 15.64 -7.11
C GLU A 186 4.90 14.63 -6.05
N TYR A 187 4.04 13.67 -5.71
CA TYR A 187 4.40 12.67 -4.72
C TYR A 187 5.58 11.83 -5.18
N ASN A 188 5.48 11.29 -6.39
CA ASN A 188 6.57 10.48 -6.96
C ASN A 188 7.86 11.29 -7.11
N ARG A 189 7.75 12.57 -7.47
CA ARG A 189 8.94 13.41 -7.55
C ARG A 189 9.56 13.58 -6.17
N LEU A 190 8.73 13.82 -5.16
CA LEU A 190 9.28 14.10 -3.85
C LEU A 190 9.96 12.89 -3.25
N VAL A 191 9.43 11.67 -3.49
CA VAL A 191 10.11 10.47 -3.00
C VAL A 191 11.53 10.41 -3.54
N GLN A 192 11.67 10.68 -4.83
CA GLN A 192 12.96 10.56 -5.48
C GLN A 192 13.92 11.66 -5.04
N GLU A 193 13.40 12.80 -4.61
CA GLU A 193 14.24 13.88 -4.10
C GLU A 193 14.63 13.67 -2.64
N THR A 194 13.83 12.91 -1.89
CA THR A 194 14.01 12.74 -0.45
C THR A 194 14.86 11.54 -0.10
N VAL A 195 14.67 10.42 -0.78
CA VAL A 195 15.36 9.18 -0.44
C VAL A 195 16.73 9.15 -1.12
N PRO A 196 17.82 8.94 -0.39
CA PRO A 196 19.11 8.81 -1.07
C PRO A 196 19.06 7.67 -2.07
N SER A 197 19.61 7.93 -3.26
CA SER A 197 19.50 6.97 -4.36
C SER A 197 20.05 5.59 -3.96
N ASP A 198 21.09 5.55 -3.14
CA ASP A 198 21.63 4.26 -2.73
C ASP A 198 20.60 3.44 -1.97
N ARG A 199 19.58 4.08 -1.41
CA ARG A 199 18.60 3.38 -0.62
C ARG A 199 17.27 3.22 -1.35
N LEU A 200 17.18 3.67 -2.61
CA LEU A 200 15.92 3.68 -3.37
C LEU A 200 16.05 2.84 -4.64
N LEU A 201 15.03 2.03 -4.92
CA LEU A 201 14.83 1.39 -6.21
C LEU A 201 13.48 1.78 -6.76
N VAL A 202 13.48 2.39 -7.96
CA VAL A 202 12.24 2.74 -8.66
C VAL A 202 11.87 1.59 -9.58
N LEU A 203 10.65 1.07 -9.40
CA LEU A 203 10.14 -0.06 -10.17
C LEU A 203 8.98 0.40 -11.04
N ARG A 204 9.02 0.05 -12.31
CA ARG A 204 7.91 0.26 -13.23
C ARG A 204 7.16 -1.04 -13.42
N LEU A 205 5.83 -0.96 -13.63
CA LEU A 205 5.06 -2.16 -13.93
C LEU A 205 5.71 -2.90 -15.08
N GLY A 206 5.94 -4.20 -14.89
CA GLY A 206 6.60 -5.02 -15.88
C GLY A 206 8.06 -5.29 -15.62
N ASP A 207 8.68 -4.58 -14.66
CA ASP A 207 10.12 -4.77 -14.42
C ASP A 207 10.43 -6.19 -13.94
N GLY A 208 9.53 -6.80 -13.19
CA GLY A 208 9.71 -8.18 -12.78
C GLY A 208 10.71 -8.36 -11.64
N TRP A 209 11.17 -9.60 -11.51
CA TRP A 209 12.05 -10.02 -10.42
C TRP A 209 13.47 -9.48 -10.36
N GLU A 210 14.15 -9.48 -11.50
CA GLU A 210 15.57 -9.13 -11.52
C GLU A 210 16.05 -7.86 -10.80
N PRO A 211 15.51 -6.68 -11.13
CA PRO A 211 16.03 -5.52 -10.39
C PRO A 211 15.72 -5.56 -8.91
N LEU A 212 14.56 -6.11 -8.55
CA LEU A 212 14.18 -6.21 -7.15
C LEU A 212 15.11 -7.14 -6.41
N CYS A 213 15.33 -8.33 -6.97
CA CYS A 213 16.17 -9.32 -6.29
C CYS A 213 17.63 -8.87 -6.20
N LYS A 214 18.13 -8.14 -7.20
CA LYS A 214 19.49 -7.62 -7.11
C LYS A 214 19.60 -6.61 -5.97
N PHE A 215 18.61 -5.72 -5.87
CA PHE A 215 18.59 -4.68 -4.86
C PHE A 215 18.56 -5.28 -3.45
N LEU A 216 17.91 -6.44 -3.29
CA LEU A 216 17.74 -7.10 -2.00
C LEU A 216 18.77 -8.22 -1.73
N ASN A 217 19.66 -8.48 -2.68
CA ASN A 217 20.71 -9.49 -2.51
C ASN A 217 20.12 -10.89 -2.28
N VAL A 218 19.03 -11.19 -3.00
CA VAL A 218 18.41 -12.50 -2.97
C VAL A 218 18.37 -13.12 -4.37
N GLU A 219 18.31 -14.44 -4.40
CA GLU A 219 18.15 -15.15 -5.66
C GLU A 219 16.74 -14.94 -6.19
N ILE A 220 16.62 -15.02 -7.50
CA ILE A 220 15.30 -15.03 -8.13
C ILE A 220 14.59 -16.33 -7.77
N PRO A 221 13.36 -16.27 -7.26
CA PRO A 221 12.65 -17.51 -6.91
C PRO A 221 12.54 -18.42 -8.13
N ASN A 222 12.96 -19.66 -7.96
CA ASN A 222 13.08 -20.55 -9.11
C ASN A 222 11.71 -21.03 -9.56
N GLY A 223 11.44 -20.93 -10.85
CA GLY A 223 10.20 -21.41 -11.43
C GLY A 223 8.95 -20.62 -11.10
N ILE A 224 9.07 -19.49 -10.42
CA ILE A 224 7.92 -18.68 -10.03
C ILE A 224 7.96 -17.39 -10.83
N ASP A 225 6.94 -17.16 -11.64
CA ASP A 225 6.83 -15.89 -12.34
C ASP A 225 6.55 -14.76 -11.37
N TYR A 226 6.93 -13.58 -11.77
CA TYR A 226 6.71 -12.42 -10.93
C TYR A 226 5.17 -12.23 -10.87
N PRO A 227 4.61 -11.94 -9.71
CA PRO A 227 3.15 -11.80 -9.68
C PRO A 227 2.51 -10.73 -10.58
N CAS A 228 1.31 -11.03 -11.09
CA CAS A 228 0.47 -10.11 -11.84
CB CAS A 228 0.49 -10.37 -13.32
C CAS A 228 -0.91 -10.30 -11.27
O CAS A 228 -1.63 -11.18 -11.67
SG CAS A 228 -0.38 -9.07 -14.14
AS CAS A 228 -2.47 -9.82 -14.57
CE1 CAS A 228 -3.75 -9.35 -13.14
CE2 CAS A 228 -3.07 -8.43 -15.88
N VAL A 229 -1.28 -9.50 -10.31
CA VAL A 229 -2.58 -9.63 -9.66
C VAL A 229 -3.16 -8.23 -9.44
N ASN A 230 -4.46 -8.20 -9.14
CA ASN A 230 -5.22 -7.01 -8.75
C ASN A 230 -5.50 -6.04 -9.90
N SER A 231 -5.70 -6.55 -11.10
CA SER A 231 -6.14 -5.66 -12.17
C SER A 231 -7.54 -5.14 -11.88
N HIS A 232 -7.84 -3.97 -12.43
CA HIS A 232 -9.17 -3.43 -12.21
C HIS A 232 -10.25 -4.38 -12.72
N HIS A 233 -9.98 -5.14 -13.80
CA HIS A 233 -10.97 -6.09 -14.28
C HIS A 233 -11.25 -7.17 -13.23
N GLN A 234 -10.19 -7.65 -12.59
CA GLN A 234 -10.33 -8.63 -11.52
C GLN A 234 -11.10 -8.06 -10.33
N MET A 235 -10.82 -6.80 -9.96
CA MET A 235 -11.56 -6.18 -8.87
C MET A 235 -13.03 -6.03 -9.20
N THR A 236 -13.33 -5.63 -10.44
CA THR A 236 -14.72 -5.55 -10.87
C THR A 236 -15.41 -6.91 -10.70
N GLN A 237 -14.76 -7.99 -11.10
CA GLN A 237 -15.33 -9.32 -10.93
C GLN A 237 -15.56 -9.64 -9.46
N LEU A 238 -14.59 -9.32 -8.59
CA LEU A 238 -14.73 -9.59 -7.17
C LEU A 238 -15.91 -8.83 -6.58
N THR A 239 -16.03 -7.54 -6.91
CA THR A 239 -17.18 -6.76 -6.45
C THR A 239 -18.49 -7.41 -6.92
N GLU A 240 -18.57 -7.78 -8.20
CA GLU A 240 -19.82 -8.37 -8.70
C GLU A 240 -20.13 -9.70 -8.00
N GLN A 241 -19.11 -10.52 -7.75
CA GLN A 241 -19.34 -11.81 -7.10
C GLN A 241 -19.67 -11.65 -5.62
N LEU A 242 -19.09 -10.64 -4.96
CA LEU A 242 -19.50 -10.35 -3.59
C LEU A 242 -20.98 -9.97 -3.56
N ILE A 243 -21.39 -9.11 -4.48
CA ILE A 243 -22.80 -8.73 -4.59
C ILE A 243 -23.69 -9.96 -4.84
N LYS A 244 -23.27 -10.85 -5.73
CA LYS A 244 -24.11 -11.98 -6.10
C LYS A 244 -24.23 -13.00 -4.98
N TYR A 245 -23.12 -13.33 -4.34
CA TYR A 245 -23.10 -14.41 -3.36
C TYR A 245 -23.27 -13.94 -1.92
N LYS A 246 -23.00 -12.66 -1.64
CA LYS A 246 -23.23 -12.03 -0.35
C LYS A 246 -22.31 -12.57 0.74
N SER A 247 -21.17 -13.13 0.36
CA SER A 247 -20.15 -13.49 1.34
C SER A 247 -18.83 -13.63 0.59
N LEU A 248 -17.74 -13.34 1.31
CA LEU A 248 -16.42 -13.62 0.79
C LEU A 248 -16.14 -15.13 0.80
N ASP A 249 -16.48 -15.79 1.90
CA ASP A 249 -16.08 -17.18 2.05
C ASP A 249 -16.73 -18.09 1.02
N ALA A 250 -17.88 -17.68 0.47
CA ALA A 250 -18.51 -18.47 -0.59
C ALA A 250 -17.72 -18.43 -1.89
N ILE A 251 -16.99 -17.34 -2.14
CA ILE A 251 -16.31 -17.12 -3.42
C ILE A 251 -14.79 -17.13 -3.32
N ILE A 252 -14.24 -17.29 -2.12
CA ILE A 252 -12.81 -17.03 -1.96
C ILE A 252 -11.97 -17.97 -2.81
N HIS A 253 -12.43 -19.21 -3.02
CA HIS A 253 -11.68 -20.18 -3.80
C HIS A 253 -11.59 -19.80 -5.27
N MET A 254 -12.32 -18.78 -5.70
CA MET A 254 -12.28 -18.31 -7.08
C MET A 254 -11.26 -17.21 -7.30
N PHE A 255 -10.56 -16.77 -6.25
CA PHE A 255 -9.59 -15.68 -6.33
C PHE A 255 -8.33 -16.09 -5.57
N PRO A 256 -7.63 -17.09 -6.05
CA PRO A 256 -6.58 -17.71 -5.22
C PRO A 256 -5.41 -16.81 -4.84
N ASP A 257 -4.73 -16.22 -5.82
CA ASP A 257 -3.51 -15.49 -5.49
C ASP A 257 -3.79 -14.05 -5.10
N LEU A 258 -4.90 -13.49 -5.58
CA LEU A 258 -5.30 -12.16 -5.16
C LEU A 258 -5.56 -12.14 -3.64
N ILE A 259 -6.02 -13.25 -3.09
CA ILE A 259 -6.51 -13.27 -1.73
C ILE A 259 -5.79 -14.35 -0.92
P1 A3P B . -4.90 -1.97 -13.79
O1P A3P B . -4.57 -0.86 -14.75
O2P A3P B . -6.01 -1.65 -12.80
O3P A3P B . -5.14 -3.33 -14.39
P2 A3P B . -2.25 -2.28 -6.88
O4P A3P B . -1.25 -1.29 -6.34
O5P A3P B . -2.02 -3.74 -6.58
O6P A3P B . -3.68 -1.89 -6.64
O5' A3P B . -1.96 -2.17 -8.49
C5' A3P B . -2.77 -2.88 -9.41
C4' A3P B . -2.41 -2.43 -10.84
O4' A3P B . -1.10 -2.92 -11.17
C3' A3P B . -3.35 -2.98 -11.87
O3' A3P B . -3.52 -2.06 -12.96
C2' A3P B . -2.62 -4.23 -12.32
O2' A3P B . -3.07 -4.75 -13.58
C1' A3P B . -1.20 -3.72 -12.35
N9 A3P B . -0.21 -4.80 -12.29
C8 A3P B . 0.05 -5.53 -11.19
N7 A3P B . 1.04 -6.42 -11.44
C5 A3P B . 1.43 -6.22 -12.71
C6 A3P B . 2.40 -6.83 -13.60
N6 A3P B . 3.15 -7.82 -13.09
N1 A3P B . 2.52 -6.36 -14.86
C2 A3P B . 1.74 -5.37 -15.32
N3 A3P B . 0.78 -4.78 -14.57
C4 A3P B . 0.61 -5.15 -13.28
N S73 C . -6.96 2.09 -0.72
C S73 C . -5.51 -0.10 -1.87
O S73 C . -4.96 -1.34 -2.23
C1 S73 C . -7.03 -0.12 -1.91
C10 S73 C . -13.44 0.58 -2.21
C11 S73 C . -13.80 -2.65 -3.76
C12 S73 C . -13.02 -3.82 -3.26
C13 S73 C . -11.68 -3.80 -3.56
C14 S73 C . -10.91 -4.82 -3.09
C15 S73 C . -11.48 -5.88 -2.38
C16 S73 C . -10.41 -7.70 -0.97
C17 S73 C . -12.84 -5.93 -2.12
C18 S73 C . -13.62 -4.88 -2.56
C2 S73 C . -7.70 1.04 -1.30
C3 S73 C . -9.06 1.11 -1.26
C4 S73 C . -7.84 -1.14 -2.43
C5 S73 C . -9.24 -1.01 -2.37
C6 S73 C . -9.84 0.10 -1.76
C7 S73 C . -12.42 -0.21 -1.38
C8 S73 C . -12.65 -1.66 -1.77
C9 S73 C . -13.76 -0.37 -3.33
F S73 C . -11.58 -7.98 -0.43
F1 S73 C . -9.83 -8.79 -1.43
F2 S73 C . -9.57 -7.20 -0.11
N1 S73 C . -11.15 0.43 -1.69
N2 S73 C . -13.81 -1.67 -2.70
O1 S73 C . -5.96 2.67 -1.25
O2 S73 C . -7.35 2.44 0.41
O3 S73 C . -10.52 -6.82 -2.07
#